data_6DAJ
#
_entry.id   6DAJ
#
_cell.length_a   76.639
_cell.length_b   101.810
_cell.length_c   125.760
_cell.angle_alpha   90.00
_cell.angle_beta   90.00
_cell.angle_gamma   90.00
#
_symmetry.space_group_name_H-M   'I 2 2 2'
#
loop_
_entity.id
_entity.type
_entity.pdbx_description
1 polymer 'Cytochrome P450 3A4'
2 non-polymer 'PROTOPORPHYRIN IX CONTAINING FE'
3 non-polymer 'tert-butyl [(2S)-1-{[(2R)-1-oxo-3-phenyl-1-{[2-(pyridin-3-yl)ethyl]amino}propan-2-yl]sulfanyl}-3-phenylpropan-2-yl]carbamate'
4 non-polymer GLYCEROL
5 non-polymer GLUTAMINE
#
_entity_poly.entity_id   1
_entity_poly.type   'polypeptide(L)'
_entity_poly.pdbx_seq_one_letter_code
;MAYLYGTHSHGLFKKLGIPGPTPLPFLGNILSYHKGFCMFDMECHKKYGKVWGFYDGQQPVLAITDPDMIKTVLVKECYS
VFTNRRPFGPVGFMKSAISIAEDEEWKRLRSLLSPTFTSGKLKEMVPIIAQYGDVLVRNLRREAETGKPVTLKDVFGAYS
MDVITSTSFGVNIDSLNNPQDPFVENTKKLLRFDFLDPFFLSITVFPFLIPILEVLNICVFPREVTNFLRKSVKRMKESR
LEDTQKHRVDFLQLMIDSQNSKETESHKALSDLELVAQSIIFIFAGYETTSSVLSFIMYELATHPDVQQKLQEEIDAVLP
NKAPPTYDTVLQMEYLDMVVNETLRLFPIAMRLERVCKKDVEINGMFIPKGVVVMIPSYALHRDPKYWTEPEKFLPERFS
KKNKDNIDPYIYTPFGSGPRNCIGMRFALMNMKLALIRVLQNFSFKPCKETQIPLKLSLGGLLQPEKPVVLKVESRDGTV
SGAHHHH
;
_entity_poly.pdbx_strand_id   A
#
loop_
_chem_comp.id
_chem_comp.type
_chem_comp.name
_chem_comp.formula
FZV non-polymer 'tert-butyl [(2S)-1-{[(2R)-1-oxo-3-phenyl-1-{[2-(pyridin-3-yl)ethyl]amino}propan-2-yl]sulfanyl}-3-phenylpropan-2-yl]carbamate' 'C30 H37 N3 O3 S'
GOL non-polymer GLYCEROL 'C3 H8 O3'
HEM non-polymer 'PROTOPORPHYRIN IX CONTAINING FE' 'C34 H32 Fe N4 O4'
#
# COMPACT_ATOMS: atom_id res chain seq x y z
N HIS A 8 3.05 -23.35 -26.47
CA HIS A 8 2.27 -23.19 -25.25
C HIS A 8 3.17 -23.31 -24.02
N SER A 9 3.42 -22.17 -23.38
CA SER A 9 4.39 -22.06 -22.30
C SER A 9 3.96 -22.83 -21.06
N HIS A 10 2.93 -23.67 -21.19
CA HIS A 10 2.25 -24.26 -20.07
C HIS A 10 2.87 -25.57 -19.62
N GLY A 11 4.02 -25.93 -20.17
CA GLY A 11 4.74 -27.10 -19.71
C GLY A 11 5.83 -26.86 -18.68
N LEU A 12 6.12 -25.59 -18.35
CA LEU A 12 7.36 -25.23 -17.67
C LEU A 12 7.47 -25.85 -16.29
N PHE A 13 6.61 -25.42 -15.37
CA PHE A 13 6.63 -26.03 -14.05
C PHE A 13 6.51 -27.54 -14.13
N LYS A 14 5.71 -28.02 -15.07
CA LYS A 14 5.53 -29.46 -15.24
C LYS A 14 6.85 -30.14 -15.53
N LYS A 15 7.76 -29.45 -16.24
CA LYS A 15 9.09 -30.00 -16.45
C LYS A 15 9.94 -29.89 -15.20
N LEU A 16 9.98 -28.72 -14.56
CA LEU A 16 10.81 -28.45 -13.40
C LEU A 16 10.49 -29.29 -12.20
N GLY A 17 9.47 -30.15 -12.26
CA GLY A 17 9.04 -30.86 -11.06
C GLY A 17 8.50 -29.96 -9.98
N ILE A 18 7.90 -28.82 -10.34
CA ILE A 18 7.22 -27.92 -9.42
C ILE A 18 5.71 -28.14 -9.59
N PRO A 19 4.94 -28.31 -8.51
CA PRO A 19 3.51 -28.63 -8.65
C PRO A 19 2.65 -27.37 -8.73
N GLY A 20 1.36 -27.59 -9.07
CA GLY A 20 0.37 -26.53 -9.24
C GLY A 20 -0.86 -26.91 -10.06
N PRO A 21 -1.83 -25.99 -10.16
CA PRO A 21 -3.05 -26.27 -10.97
C PRO A 21 -2.79 -26.29 -12.47
N THR A 22 -3.52 -27.18 -13.16
CA THR A 22 -3.39 -27.31 -14.63
C THR A 22 -3.93 -26.07 -15.33
N PRO A 23 -3.16 -25.42 -16.21
CA PRO A 23 -3.67 -24.23 -16.91
C PRO A 23 -4.59 -24.55 -18.08
N LEU A 24 -5.58 -23.71 -18.26
CA LEU A 24 -6.34 -23.85 -19.48
C LEU A 24 -5.61 -23.15 -20.62
N PRO A 25 -5.69 -23.67 -21.84
CA PRO A 25 -5.18 -22.94 -23.01
C PRO A 25 -5.59 -21.48 -22.99
N PHE A 26 -4.60 -20.59 -23.24
CA PHE A 26 -4.80 -19.14 -23.31
C PHE A 26 -5.04 -18.46 -21.96
N LEU A 27 -6.07 -18.88 -21.20
CA LEU A 27 -6.33 -18.21 -19.92
C LEU A 27 -5.36 -18.63 -18.84
N GLY A 28 -4.78 -19.80 -18.96
CA GLY A 28 -4.01 -20.32 -17.85
C GLY A 28 -4.92 -20.57 -16.65
N ASN A 29 -4.51 -20.06 -15.50
CA ASN A 29 -5.26 -20.30 -14.28
C ASN A 29 -6.14 -19.13 -13.87
N ILE A 30 -6.32 -18.14 -14.74
CA ILE A 30 -7.03 -16.95 -14.28
C ILE A 30 -8.49 -17.26 -13.95
N LEU A 31 -9.09 -18.23 -14.61
CA LEU A 31 -10.43 -18.61 -14.18
C LEU A 31 -10.48 -18.78 -12.66
N SER A 32 -9.38 -19.23 -12.04
CA SER A 32 -9.35 -19.54 -10.62
C SER A 32 -9.34 -18.30 -9.71
N TYR A 33 -9.30 -17.08 -10.28
CA TYR A 33 -9.31 -15.82 -9.53
C TYR A 33 -10.70 -15.34 -9.13
N HIS A 34 -11.76 -16.11 -9.42
CA HIS A 34 -13.12 -15.67 -9.17
C HIS A 34 -13.43 -15.49 -7.69
N LYS A 35 -12.70 -16.17 -6.79
CA LYS A 35 -12.84 -15.87 -5.37
C LYS A 35 -11.88 -14.76 -4.93
N GLY A 36 -11.02 -14.31 -5.82
CA GLY A 36 -10.01 -13.30 -5.53
C GLY A 36 -8.62 -13.89 -5.45
N PHE A 37 -7.62 -13.03 -5.66
CA PHE A 37 -6.21 -13.37 -5.48
C PHE A 37 -5.99 -14.10 -4.17
N CYS A 38 -6.63 -13.63 -3.11
CA CYS A 38 -6.25 -14.09 -1.79
C CYS A 38 -6.71 -15.52 -1.56
N MET A 39 -8.01 -15.76 -1.67
CA MET A 39 -8.51 -17.10 -1.45
C MET A 39 -7.81 -18.13 -2.33
N PHE A 40 -7.39 -17.71 -3.53
CA PHE A 40 -6.68 -18.60 -4.45
C PHE A 40 -5.29 -18.92 -3.95
N ASP A 41 -4.58 -17.90 -3.49
CA ASP A 41 -3.28 -18.08 -2.85
C ASP A 41 -3.38 -19.00 -1.63
N MET A 42 -4.33 -18.74 -0.72
CA MET A 42 -4.45 -19.61 0.44
CA MET A 42 -4.46 -19.60 0.45
C MET A 42 -4.68 -21.05 0.03
N GLU A 43 -5.52 -21.28 -0.96
CA GLU A 43 -5.86 -22.65 -1.31
C GLU A 43 -4.69 -23.36 -1.96
N CYS A 44 -3.92 -22.63 -2.77
CA CYS A 44 -2.71 -23.22 -3.34
C CYS A 44 -1.72 -23.57 -2.23
N HIS A 45 -1.49 -22.62 -1.32
CA HIS A 45 -0.61 -22.87 -0.19
C HIS A 45 -0.98 -24.17 0.52
N LYS A 46 -2.25 -24.32 0.89
CA LYS A 46 -2.64 -25.46 1.69
C LYS A 46 -2.66 -26.74 0.85
N LYS A 47 -2.87 -26.62 -0.46
CA LYS A 47 -2.85 -27.79 -1.34
C LYS A 47 -1.44 -28.19 -1.77
N TYR A 48 -0.47 -27.26 -1.80
CA TYR A 48 0.81 -27.51 -2.47
C TYR A 48 2.06 -27.33 -1.61
N GLY A 49 1.97 -26.73 -0.43
CA GLY A 49 3.16 -26.56 0.38
C GLY A 49 4.03 -25.36 0.07
N LYS A 50 5.35 -25.57 0.07
CA LYS A 50 6.29 -24.46 0.16
C LYS A 50 6.45 -23.71 -1.16
N VAL A 51 6.21 -24.37 -2.30
CA VAL A 51 6.39 -23.77 -3.61
CA VAL A 51 6.36 -23.73 -3.60
C VAL A 51 5.30 -24.29 -4.55
N TRP A 52 4.85 -23.44 -5.46
CA TRP A 52 3.98 -23.87 -6.55
C TRP A 52 4.11 -22.87 -7.69
N GLY A 53 3.54 -23.22 -8.83
CA GLY A 53 3.60 -22.38 -10.01
C GLY A 53 2.27 -22.35 -10.73
N PHE A 54 2.00 -21.24 -11.40
CA PHE A 54 0.76 -21.09 -12.14
C PHE A 54 1.01 -20.12 -13.28
N TYR A 55 0.00 -19.95 -14.13
CA TYR A 55 0.16 -19.15 -15.34
C TYR A 55 -0.93 -18.10 -15.39
N ASP A 56 -0.55 -16.82 -15.33
CA ASP A 56 -1.46 -15.72 -15.64
C ASP A 56 -1.47 -15.58 -17.15
N GLY A 57 -2.44 -16.22 -17.82
CA GLY A 57 -2.39 -16.28 -19.27
C GLY A 57 -1.28 -17.25 -19.63
N GLN A 58 -0.28 -16.78 -20.37
CA GLN A 58 0.92 -17.56 -20.64
C GLN A 58 2.05 -17.22 -19.71
N GLN A 59 1.86 -16.27 -18.79
CA GLN A 59 2.95 -15.83 -17.93
C GLN A 59 3.16 -16.80 -16.78
N PRO A 60 4.26 -17.55 -16.74
CA PRO A 60 4.56 -18.40 -15.57
C PRO A 60 4.81 -17.55 -14.35
N VAL A 61 4.20 -17.96 -13.24
CA VAL A 61 4.36 -17.29 -11.96
C VAL A 61 4.70 -18.37 -10.97
N LEU A 62 5.80 -18.19 -10.22
CA LEU A 62 6.22 -19.15 -9.21
C LEU A 62 6.03 -18.54 -7.82
N ALA A 63 5.17 -19.18 -7.02
CA ALA A 63 4.98 -18.76 -5.64
C ALA A 63 6.02 -19.41 -4.76
N ILE A 64 6.57 -18.66 -3.82
CA ILE A 64 7.59 -19.19 -2.93
C ILE A 64 7.25 -18.74 -1.53
N THR A 65 7.40 -19.66 -0.57
CA THR A 65 7.03 -19.37 0.80
C THR A 65 8.12 -19.77 1.78
N ASP A 66 9.28 -20.19 1.32
CA ASP A 66 10.37 -20.43 2.26
C ASP A 66 11.00 -19.10 2.66
N PRO A 67 11.15 -18.83 3.97
CA PRO A 67 11.61 -17.49 4.39
C PRO A 67 13.04 -17.17 3.98
N ASP A 68 13.93 -18.15 4.03
CA ASP A 68 15.26 -17.96 3.46
C ASP A 68 15.17 -17.67 1.98
N MET A 69 14.42 -18.49 1.24
CA MET A 69 14.22 -18.28 -0.18
C MET A 69 13.59 -16.93 -0.45
N ILE A 70 12.66 -16.49 0.42
CA ILE A 70 12.08 -15.16 0.27
C ILE A 70 13.13 -14.09 0.52
N LYS A 71 13.97 -14.30 1.53
CA LYS A 71 15.03 -13.33 1.78
C LYS A 71 16.02 -13.29 0.61
N THR A 72 16.38 -14.47 0.07
CA THR A 72 17.26 -14.55 -1.09
C THR A 72 16.72 -13.71 -2.23
N VAL A 73 15.40 -13.78 -2.45
CA VAL A 73 14.77 -13.11 -3.59
C VAL A 73 14.65 -11.62 -3.32
N LEU A 74 14.12 -11.26 -2.15
CA LEU A 74 13.84 -9.85 -1.88
C LEU A 74 15.13 -9.08 -1.59
N VAL A 75 16.09 -9.72 -0.91
CA VAL A 75 17.28 -9.01 -0.43
C VAL A 75 18.59 -9.50 -1.05
N LYS A 76 18.89 -10.80 -0.93
CA LYS A 76 20.25 -11.26 -1.24
C LYS A 76 20.58 -11.09 -2.72
N GLU A 77 19.60 -11.30 -3.60
CA GLU A 77 19.83 -11.36 -5.05
C GLU A 77 19.00 -10.31 -5.78
N CYS A 78 18.75 -9.21 -5.09
CA CYS A 78 17.83 -8.20 -5.58
C CYS A 78 18.38 -7.48 -6.82
N TYR A 79 19.58 -6.89 -6.70
CA TYR A 79 20.20 -6.12 -7.79
C TYR A 79 20.60 -7.02 -8.95
N SER A 80 20.89 -8.28 -8.67
CA SER A 80 21.42 -9.17 -9.70
C SER A 80 20.31 -9.82 -10.53
N VAL A 81 19.27 -10.35 -9.88
CA VAL A 81 18.28 -11.15 -10.59
C VAL A 81 16.89 -10.57 -10.46
N PHE A 82 16.44 -10.39 -9.23
CA PHE A 82 15.04 -10.11 -8.94
C PHE A 82 14.83 -8.62 -8.71
N THR A 83 15.15 -7.84 -9.75
CA THR A 83 15.24 -6.38 -9.69
C THR A 83 13.94 -5.63 -9.99
N ASN A 84 13.08 -6.12 -10.90
CA ASN A 84 11.92 -5.33 -11.32
C ASN A 84 10.61 -6.05 -11.05
N ARG A 85 9.51 -5.33 -11.19
CA ARG A 85 8.22 -5.96 -11.00
C ARG A 85 7.67 -6.41 -12.34
N ARG A 86 6.57 -7.13 -12.26
CA ARG A 86 5.90 -7.58 -13.46
C ARG A 86 5.54 -6.36 -14.28
N PRO A 87 6.04 -6.22 -15.50
CA PRO A 87 5.65 -5.07 -16.33
C PRO A 87 4.15 -5.06 -16.52
N PHE A 88 3.55 -3.92 -16.26
CA PHE A 88 2.17 -3.68 -16.60
C PHE A 88 2.10 -2.41 -17.43
N GLY A 89 1.04 -2.29 -18.19
CA GLY A 89 0.88 -1.14 -19.05
C GLY A 89 -0.54 -1.06 -19.55
N PRO A 90 -0.84 -0.08 -20.41
CA PRO A 90 0.11 0.94 -20.89
C PRO A 90 0.29 2.09 -19.89
N VAL A 91 1.52 2.58 -19.77
CA VAL A 91 1.85 3.57 -18.76
C VAL A 91 2.24 4.93 -19.34
N GLY A 92 2.66 5.00 -20.60
CA GLY A 92 3.11 6.26 -21.14
C GLY A 92 4.23 6.88 -20.30
N PHE A 93 4.13 8.20 -20.07
CA PHE A 93 5.19 8.89 -19.34
C PHE A 93 5.33 8.41 -17.91
N MET A 94 4.35 7.67 -17.39
CA MET A 94 4.48 7.10 -16.06
C MET A 94 5.43 5.91 -16.02
N LYS A 95 6.04 5.53 -17.14
CA LYS A 95 7.13 4.57 -17.05
C LYS A 95 8.29 5.13 -16.23
N SER A 96 8.44 6.46 -16.21
CA SER A 96 9.48 7.09 -15.41
CA SER A 96 9.48 7.09 -15.42
C SER A 96 9.19 7.07 -13.92
N ALA A 97 8.01 6.62 -13.51
CA ALA A 97 7.70 6.56 -12.09
C ALA A 97 8.56 5.51 -11.42
N ILE A 98 8.92 5.77 -10.16
CA ILE A 98 9.90 4.90 -9.53
C ILE A 98 9.35 3.50 -9.34
N SER A 99 8.06 3.38 -8.96
CA SER A 99 7.49 2.05 -8.74
C SER A 99 7.42 1.26 -10.02
N ILE A 100 7.54 1.95 -11.16
CA ILE A 100 7.37 1.33 -12.45
C ILE A 100 8.69 1.16 -13.18
N ALA A 101 9.69 1.97 -12.88
CA ALA A 101 10.94 1.95 -13.63
C ALA A 101 11.78 0.70 -13.30
N GLU A 102 12.75 0.41 -14.18
CA GLU A 102 13.44 -0.86 -14.19
C GLU A 102 14.94 -0.65 -14.15
N ASP A 103 15.62 -1.66 -13.60
CA ASP A 103 17.08 -1.85 -13.65
C ASP A 103 17.76 -0.56 -13.17
N GLU A 104 18.75 -0.02 -13.87
CA GLU A 104 19.49 1.10 -13.32
C GLU A 104 18.74 2.41 -13.47
N GLU A 105 17.82 2.51 -14.43
CA GLU A 105 16.93 3.66 -14.47
C GLU A 105 16.24 3.82 -13.15
N TRP A 106 15.83 2.70 -12.56
CA TRP A 106 15.21 2.73 -11.25
C TRP A 106 16.22 3.02 -10.16
N LYS A 107 17.39 2.36 -10.22
CA LYS A 107 18.38 2.53 -9.16
C LYS A 107 18.73 3.99 -8.99
N ARG A 108 18.77 4.73 -10.10
CA ARG A 108 18.94 6.17 -10.06
C ARG A 108 17.78 6.85 -9.32
N LEU A 109 16.54 6.56 -9.72
CA LEU A 109 15.39 7.27 -9.15
C LEU A 109 15.29 7.04 -7.65
N ARG A 110 15.57 5.80 -7.24
CA ARG A 110 15.55 5.44 -5.84
C ARG A 110 16.54 6.32 -5.10
N SER A 111 17.75 6.43 -5.64
CA SER A 111 18.77 7.28 -5.01
C SER A 111 18.30 8.73 -4.89
N LEU A 112 17.77 9.29 -5.97
CA LEU A 112 17.41 10.71 -5.99
C LEU A 112 16.24 10.99 -5.08
N LEU A 113 15.34 10.03 -4.90
CA LEU A 113 14.14 10.25 -4.12
C LEU A 113 14.27 9.75 -2.69
N SER A 114 15.40 9.09 -2.35
CA SER A 114 15.53 8.51 -1.02
C SER A 114 15.60 9.55 0.09
N PRO A 115 16.53 10.52 0.08
CA PRO A 115 16.61 11.46 1.21
C PRO A 115 15.31 12.20 1.47
N THR A 116 14.40 12.20 0.51
CA THR A 116 13.08 12.79 0.70
C THR A 116 12.35 12.15 1.87
N PHE A 117 12.63 10.87 2.12
CA PHE A 117 11.90 10.04 3.08
C PHE A 117 12.70 9.72 4.33
N THR A 118 13.68 10.52 4.70
CA THR A 118 14.53 10.09 5.80
C THR A 118 13.78 10.20 7.11
N SER A 119 14.40 9.67 8.16
CA SER A 119 13.92 9.91 9.52
C SER A 119 13.77 11.39 9.78
N GLY A 120 14.75 12.19 9.36
CA GLY A 120 14.76 13.59 9.74
C GLY A 120 13.77 14.43 8.95
N LYS A 121 13.66 14.17 7.64
CA LYS A 121 12.72 14.94 6.82
C LYS A 121 11.28 14.68 7.26
N LEU A 122 10.99 13.44 7.65
CA LEU A 122 9.67 13.11 8.18
C LEU A 122 9.38 13.87 9.46
N LYS A 123 10.42 14.13 10.25
CA LYS A 123 10.23 14.90 11.49
C LYS A 123 9.76 16.30 11.19
N GLU A 124 10.26 16.90 10.09
CA GLU A 124 9.86 18.26 9.73
C GLU A 124 8.45 18.31 9.14
N MET A 125 7.91 17.17 8.71
CA MET A 125 6.63 17.11 8.02
C MET A 125 5.43 17.04 8.97
N VAL A 126 5.65 16.89 10.27
CA VAL A 126 4.54 16.59 11.17
C VAL A 126 3.64 17.79 11.45
N PRO A 127 4.16 19.00 11.76
CA PRO A 127 3.24 20.11 12.06
C PRO A 127 2.25 20.43 10.94
N ILE A 128 2.60 20.19 9.69
CA ILE A 128 1.61 20.40 8.64
C ILE A 128 0.59 19.25 8.65
N ILE A 129 1.01 18.04 9.02
CA ILE A 129 0.07 16.91 9.15
C ILE A 129 -0.84 17.11 10.35
N ALA A 130 -0.37 17.86 11.35
CA ALA A 130 -1.19 18.12 12.54
C ALA A 130 -2.41 18.95 12.18
N GLN A 131 -2.18 20.16 11.65
CA GLN A 131 -3.26 21.11 11.36
C GLN A 131 -4.44 20.47 10.65
N TYR A 132 -4.21 19.38 9.89
CA TYR A 132 -5.28 18.64 9.24
C TYR A 132 -5.83 17.50 10.10
N GLY A 133 -5.09 17.06 11.12
CA GLY A 133 -5.71 16.20 12.12
C GLY A 133 -6.86 16.89 12.80
N ASP A 134 -6.70 18.19 13.08
CA ASP A 134 -7.78 18.99 13.65
C ASP A 134 -8.99 19.00 12.71
N VAL A 135 -8.80 19.49 11.49
CA VAL A 135 -9.74 19.40 10.39
C VAL A 135 -10.46 18.06 10.43
N LEU A 136 -9.68 16.97 10.40
CA LEU A 136 -10.26 15.63 10.48
C LEU A 136 -11.25 15.50 11.65
N VAL A 137 -10.95 16.15 12.77
CA VAL A 137 -11.78 15.99 13.96
C VAL A 137 -13.02 16.86 13.87
N ARG A 138 -12.84 18.12 13.50
CA ARG A 138 -14.01 18.97 13.32
C ARG A 138 -14.88 18.49 12.16
N ASN A 139 -14.28 17.93 11.10
CA ASN A 139 -15.08 17.22 10.10
C ASN A 139 -15.82 16.06 10.74
N LEU A 140 -15.16 15.35 11.66
CA LEU A 140 -15.78 14.22 12.32
C LEU A 140 -16.85 14.67 13.31
N ARG A 141 -16.63 15.80 13.98
CA ARG A 141 -17.60 16.29 14.95
C ARG A 141 -18.94 16.60 14.29
N ARG A 142 -18.92 17.39 13.20
CA ARG A 142 -20.15 17.77 12.51
C ARG A 142 -20.87 16.57 11.90
N GLU A 143 -20.22 15.42 11.81
CA GLU A 143 -20.91 14.17 11.57
C GLU A 143 -21.26 13.45 12.86
N ALA A 144 -20.60 13.81 13.97
CA ALA A 144 -20.77 13.16 15.26
C ALA A 144 -21.97 13.69 16.02
N GLU A 145 -22.11 15.03 16.08
CA GLU A 145 -23.28 15.61 16.71
C GLU A 145 -24.57 15.28 15.95
N THR A 146 -24.48 14.94 14.66
CA THR A 146 -25.62 14.45 13.87
C THR A 146 -25.58 12.92 13.91
N GLY A 147 -26.34 12.34 14.83
CA GLY A 147 -26.30 10.91 15.08
C GLY A 147 -26.63 10.04 13.89
N LYS A 148 -25.72 10.02 12.91
CA LYS A 148 -25.95 9.34 11.64
C LYS A 148 -24.69 8.54 11.32
N PRO A 149 -24.79 7.22 11.11
CA PRO A 149 -23.61 6.39 10.83
C PRO A 149 -22.73 6.97 9.72
N VAL A 150 -21.41 6.78 9.87
CA VAL A 150 -20.39 7.43 9.06
C VAL A 150 -19.71 6.42 8.16
N THR A 151 -19.63 6.74 6.87
CA THR A 151 -18.77 6.00 5.96
C THR A 151 -17.34 6.48 6.11
N LEU A 152 -16.45 5.60 6.58
CA LEU A 152 -15.11 6.02 6.98
C LEU A 152 -14.20 6.26 5.79
N LYS A 153 -14.39 5.53 4.69
CA LYS A 153 -13.55 5.79 3.54
C LYS A 153 -13.68 7.22 3.07
N ASP A 154 -14.83 7.84 3.32
CA ASP A 154 -15.05 9.22 2.88
C ASP A 154 -14.34 10.22 3.78
N VAL A 155 -14.59 10.14 5.09
CA VAL A 155 -13.97 11.12 5.96
C VAL A 155 -12.48 10.83 6.10
N PHE A 156 -12.09 9.56 6.14
CA PHE A 156 -10.65 9.26 6.14
C PHE A 156 -10.01 9.63 4.81
N GLY A 157 -10.68 9.33 3.69
CA GLY A 157 -10.14 9.69 2.40
C GLY A 157 -9.84 11.18 2.31
N ALA A 158 -10.77 12.01 2.78
CA ALA A 158 -10.59 13.45 2.73
C ALA A 158 -9.35 13.89 3.52
N TYR A 159 -9.11 13.27 4.68
CA TYR A 159 -7.91 13.59 5.45
C TYR A 159 -6.64 13.15 4.71
N SER A 160 -6.61 11.89 4.26
CA SER A 160 -5.50 11.40 3.45
C SER A 160 -5.11 12.41 2.37
N MET A 161 -6.10 12.85 1.58
CA MET A 161 -5.85 13.79 0.50
C MET A 161 -5.31 15.13 1.02
N ASP A 162 -5.87 15.62 2.12
CA ASP A 162 -5.39 16.89 2.68
C ASP A 162 -3.89 16.81 2.99
N VAL A 163 -3.44 15.71 3.57
CA VAL A 163 -2.02 15.52 3.84
C VAL A 163 -1.23 15.55 2.54
N ILE A 164 -1.70 14.79 1.55
CA ILE A 164 -1.00 14.64 0.27
C ILE A 164 -0.62 16.00 -0.31
N THR A 165 -1.63 16.86 -0.57
CA THR A 165 -1.37 18.06 -1.37
C THR A 165 -0.42 19.03 -0.66
N SER A 166 -0.41 19.03 0.67
CA SER A 166 0.56 19.85 1.39
C SER A 166 1.93 19.19 1.40
N THR A 167 1.97 17.91 1.78
CA THR A 167 3.24 17.18 1.83
C THR A 167 3.85 16.99 0.45
N SER A 168 3.04 16.99 -0.60
CA SER A 168 3.60 16.88 -1.94
C SER A 168 3.81 18.24 -2.59
N PHE A 169 2.92 19.23 -2.38
CA PHE A 169 3.01 20.49 -3.10
C PHE A 169 2.82 21.75 -2.26
N GLY A 170 2.58 21.66 -0.96
CA GLY A 170 2.27 22.85 -0.18
C GLY A 170 0.85 23.35 -0.32
N VAL A 171 0.04 22.74 -1.19
CA VAL A 171 -1.37 23.11 -1.33
C VAL A 171 -2.14 22.73 -0.08
N ASN A 172 -3.13 23.55 0.27
CA ASN A 172 -3.79 23.45 1.58
C ASN A 172 -5.28 23.68 1.42
N ILE A 173 -6.08 22.61 1.51
CA ILE A 173 -7.51 22.66 1.28
C ILE A 173 -8.25 21.90 2.38
N ASP A 174 -9.50 22.29 2.60
CA ASP A 174 -10.46 21.51 3.39
C ASP A 174 -11.36 20.80 2.38
N SER A 175 -10.85 19.67 1.86
CA SER A 175 -11.40 19.13 0.62
C SER A 175 -12.86 18.69 0.77
N LEU A 176 -13.17 17.97 1.86
CA LEU A 176 -14.54 17.52 2.12
C LEU A 176 -15.51 18.69 1.97
N ASN A 177 -15.37 19.69 2.84
CA ASN A 177 -16.18 20.88 2.71
C ASN A 177 -15.63 21.83 1.65
N ASN A 178 -14.52 22.50 1.93
CA ASN A 178 -14.12 23.66 1.14
C ASN A 178 -13.96 23.21 -0.32
N PRO A 179 -14.35 24.06 -1.27
CA PRO A 179 -15.10 23.58 -2.44
C PRO A 179 -14.32 22.78 -3.47
N GLN A 180 -14.92 22.69 -4.65
CA GLN A 180 -14.27 22.14 -5.83
C GLN A 180 -13.10 23.08 -6.03
N ASP A 181 -11.96 22.75 -5.47
CA ASP A 181 -10.80 23.61 -5.60
C ASP A 181 -10.14 23.14 -6.90
N PRO A 182 -9.58 24.07 -7.67
CA PRO A 182 -8.93 23.72 -8.94
C PRO A 182 -8.01 22.49 -8.85
N PHE A 183 -7.70 22.07 -7.63
CA PHE A 183 -6.84 20.93 -7.38
C PHE A 183 -7.58 19.68 -6.92
N VAL A 184 -8.81 19.81 -6.43
CA VAL A 184 -9.49 18.66 -5.86
C VAL A 184 -9.97 17.73 -6.97
N GLU A 185 -10.51 18.30 -8.07
CA GLU A 185 -11.23 17.50 -9.04
C GLU A 185 -10.30 16.73 -9.99
N ASN A 186 -9.08 17.21 -10.22
CA ASN A 186 -8.14 16.43 -11.01
C ASN A 186 -7.71 15.20 -10.24
N THR A 187 -7.26 15.40 -9.01
CA THR A 187 -6.90 14.29 -8.14
C THR A 187 -8.06 13.36 -7.85
N LYS A 188 -9.29 13.73 -8.23
CA LYS A 188 -10.43 12.83 -8.04
C LYS A 188 -10.34 11.62 -8.97
N LYS A 189 -10.00 11.83 -10.25
CA LYS A 189 -9.63 10.70 -11.08
C LYS A 189 -8.33 10.23 -10.46
N LEU A 190 -8.46 9.39 -9.44
CA LEU A 190 -7.50 9.26 -8.36
C LEU A 190 -6.18 8.74 -8.93
N PRO A 198 -11.70 -5.21 -14.34
CA PRO A 198 -12.53 -5.28 -15.55
C PRO A 198 -11.72 -5.09 -16.82
N PHE A 199 -10.82 -4.11 -16.78
CA PHE A 199 -9.83 -3.93 -17.84
C PHE A 199 -8.52 -4.62 -17.48
N PHE A 200 -8.03 -4.40 -16.27
CA PHE A 200 -6.68 -4.83 -15.89
C PHE A 200 -6.54 -6.33 -15.80
N LEU A 201 -7.64 -7.08 -15.94
CA LEU A 201 -7.57 -8.53 -16.07
C LEU A 201 -7.32 -8.94 -17.52
N SER A 202 -8.09 -8.38 -18.46
CA SER A 202 -7.91 -8.66 -19.88
C SER A 202 -6.53 -8.24 -20.40
N ILE A 203 -5.73 -7.52 -19.61
CA ILE A 203 -4.31 -7.39 -19.92
C ILE A 203 -3.69 -8.76 -20.08
N THR A 204 -3.99 -9.65 -19.14
CA THR A 204 -3.15 -10.83 -18.95
C THR A 204 -3.43 -11.93 -19.97
N VAL A 205 -4.65 -12.03 -20.48
CA VAL A 205 -4.83 -12.87 -21.65
C VAL A 205 -4.21 -12.22 -22.88
N PHE A 206 -4.03 -10.90 -22.88
CA PHE A 206 -3.54 -10.18 -24.07
C PHE A 206 -2.39 -9.21 -23.80
N PRO A 207 -1.36 -9.54 -23.00
CA PRO A 207 -0.31 -8.55 -22.73
C PRO A 207 0.49 -8.19 -23.97
N PHE A 208 0.30 -8.92 -25.07
CA PHE A 208 0.77 -8.54 -26.38
C PHE A 208 -0.01 -7.38 -26.95
N LEU A 209 -0.99 -6.85 -26.22
CA LEU A 209 -1.71 -5.67 -26.66
C LEU A 209 -1.26 -4.42 -25.94
N ILE A 210 -0.45 -4.56 -24.89
CA ILE A 210 0.16 -3.43 -24.20
C ILE A 210 0.87 -2.54 -25.22
N PRO A 211 1.83 -3.05 -26.00
CA PRO A 211 2.50 -2.17 -26.97
C PRO A 211 1.54 -1.61 -27.99
N ILE A 212 0.39 -2.23 -28.18
CA ILE A 212 -0.62 -1.64 -29.06
C ILE A 212 -1.16 -0.38 -28.41
N LEU A 213 -1.67 -0.51 -27.19
CA LEU A 213 -2.13 0.68 -26.48
C LEU A 213 -1.00 1.68 -26.30
N GLU A 214 0.21 1.20 -25.96
CA GLU A 214 1.35 2.08 -25.80
C GLU A 214 1.70 2.85 -27.08
N VAL A 215 1.27 2.36 -28.24
CA VAL A 215 1.46 3.12 -29.48
C VAL A 215 0.20 3.87 -29.87
N LEU A 216 -0.92 3.67 -29.15
CA LEU A 216 -2.10 4.54 -29.26
C LEU A 216 -2.13 5.61 -28.17
N ASN A 217 -1.01 5.83 -27.48
CA ASN A 217 -0.83 6.94 -26.54
C ASN A 217 -1.90 6.99 -25.45
N ILE A 218 -2.67 5.92 -25.30
CA ILE A 218 -3.64 5.79 -24.22
C ILE A 218 -2.87 5.62 -22.91
N CYS A 219 -3.57 5.63 -21.79
CA CYS A 219 -2.89 5.73 -20.50
C CYS A 219 -3.82 5.28 -19.38
N VAL A 220 -3.31 4.45 -18.45
CA VAL A 220 -4.05 4.11 -17.23
C VAL A 220 -4.05 5.24 -16.23
N PHE A 221 -3.30 6.30 -16.51
CA PHE A 221 -3.33 7.56 -15.78
C PHE A 221 -4.10 8.55 -16.63
N PRO A 222 -5.40 8.80 -16.36
CA PRO A 222 -6.26 9.58 -17.28
C PRO A 222 -5.55 10.81 -17.84
N ARG A 223 -5.35 10.82 -19.15
CA ARG A 223 -4.47 11.75 -19.85
C ARG A 223 -4.79 13.23 -19.58
N GLU A 224 -5.90 13.51 -18.89
CA GLU A 224 -6.21 14.90 -18.56
C GLU A 224 -5.73 15.27 -17.15
N VAL A 225 -5.84 14.33 -16.20
CA VAL A 225 -5.26 14.53 -14.87
C VAL A 225 -3.78 14.86 -14.98
N THR A 226 -3.02 13.95 -15.61
CA THR A 226 -1.59 14.15 -15.77
C THR A 226 -1.29 15.48 -16.46
N ASN A 227 -1.95 15.76 -17.58
CA ASN A 227 -1.78 17.04 -18.25
C ASN A 227 -2.02 18.21 -17.31
N PHE A 228 -2.91 18.05 -16.33
CA PHE A 228 -3.12 19.09 -15.33
C PHE A 228 -1.93 19.17 -14.37
N LEU A 229 -1.55 18.05 -13.78
CA LEU A 229 -0.42 18.06 -12.85
C LEU A 229 0.87 18.45 -13.58
N ARG A 230 1.12 17.85 -14.75
CA ARG A 230 2.23 18.25 -15.61
C ARG A 230 2.31 19.76 -15.76
N LYS A 231 1.16 20.40 -15.96
CA LYS A 231 1.14 21.85 -15.96
C LYS A 231 1.02 22.42 -14.54
N SER A 232 0.19 21.83 -13.67
CA SER A 232 0.06 22.36 -12.31
C SER A 232 1.36 22.25 -11.53
N VAL A 233 2.15 21.21 -11.78
CA VAL A 233 3.48 21.15 -11.20
C VAL A 233 4.38 22.20 -11.84
N LYS A 234 4.36 22.30 -13.18
CA LYS A 234 5.12 23.39 -13.79
C LYS A 234 4.44 24.76 -13.59
N ARG A 235 3.28 24.81 -12.91
CA ARG A 235 2.80 26.06 -12.32
C ARG A 235 3.57 26.40 -11.05
N MET A 236 3.81 25.39 -10.21
CA MET A 236 4.40 25.60 -8.90
C MET A 236 5.91 25.82 -8.97
N LYS A 237 6.57 25.31 -10.00
CA LYS A 237 8.03 25.39 -10.09
C LYS A 237 8.48 26.84 -10.22
N GLU A 238 8.11 27.49 -11.32
CA GLU A 238 8.63 28.83 -11.58
C GLU A 238 8.02 29.90 -10.66
N SER A 239 7.16 29.52 -9.72
CA SER A 239 6.66 30.49 -8.75
C SER A 239 7.69 30.74 -7.65
N ARG A 240 8.07 29.69 -6.92
CA ARG A 240 9.10 29.80 -5.88
C ARG A 240 10.38 30.42 -6.44
N LEU A 241 10.77 30.02 -7.64
CA LEU A 241 12.03 30.44 -8.26
C LEU A 241 11.89 31.77 -8.99
N VAL A 249 9.42 22.87 1.99
CA VAL A 249 8.81 22.09 3.07
C VAL A 249 8.34 20.64 2.68
N ASP A 250 8.05 20.40 1.40
CA ASP A 250 7.28 19.22 0.96
C ASP A 250 8.04 18.41 -0.10
N PHE A 251 7.41 17.29 -0.52
CA PHE A 251 8.03 16.38 -1.49
C PHE A 251 8.48 17.11 -2.74
N LEU A 252 7.59 17.90 -3.35
CA LEU A 252 7.98 18.72 -4.50
C LEU A 252 9.24 19.49 -4.18
N GLN A 253 9.15 20.32 -3.13
CA GLN A 253 10.32 21.03 -2.62
C GLN A 253 11.52 20.11 -2.57
N LEU A 254 11.42 19.04 -1.77
CA LEU A 254 12.55 18.16 -1.54
C LEU A 254 13.09 17.60 -2.85
N MET A 255 12.20 17.22 -3.77
CA MET A 255 12.64 16.75 -5.08
C MET A 255 13.30 17.87 -5.88
N ILE A 256 12.69 19.06 -5.89
CA ILE A 256 13.26 20.18 -6.62
C ILE A 256 14.63 20.55 -6.04
N ASP A 257 14.71 20.61 -4.70
CA ASP A 257 15.99 20.92 -4.06
C ASP A 257 17.07 19.94 -4.47
N SER A 258 16.67 18.69 -4.76
CA SER A 258 17.65 17.66 -5.12
C SER A 258 18.30 17.96 -6.47
N GLN A 259 17.54 18.44 -7.45
CA GLN A 259 18.10 18.66 -8.78
C GLN A 259 18.96 19.93 -8.86
N ASN A 260 19.47 20.41 -7.73
CA ASN A 260 20.47 21.47 -7.69
C ASN A 260 21.77 20.94 -7.10
N SER A 266 26.37 12.34 -8.54
CA SER A 266 26.82 11.12 -9.20
C SER A 266 25.81 10.59 -10.25
N HIS A 267 24.52 10.78 -9.98
CA HIS A 267 23.43 10.47 -10.91
C HIS A 267 22.96 11.74 -11.61
N LYS A 268 22.42 11.59 -12.83
CA LYS A 268 21.81 12.72 -13.51
C LYS A 268 20.62 13.24 -12.71
N ALA A 269 20.52 14.57 -12.57
CA ALA A 269 19.50 15.20 -11.75
C ALA A 269 18.09 14.88 -12.28
N LEU A 270 17.11 14.96 -11.38
CA LEU A 270 15.73 14.67 -11.77
C LEU A 270 15.22 15.67 -12.80
N SER A 271 14.61 15.15 -13.86
CA SER A 271 14.05 15.96 -14.94
C SER A 271 12.75 16.61 -14.49
N ASP A 272 12.02 17.17 -15.45
CA ASP A 272 10.79 17.91 -15.18
C ASP A 272 9.54 17.05 -15.32
N LEU A 273 9.48 16.20 -16.32
CA LEU A 273 8.38 15.25 -16.37
C LEU A 273 8.57 14.12 -15.36
N GLU A 274 9.81 13.87 -14.93
CA GLU A 274 10.04 12.83 -13.94
C GLU A 274 9.46 13.22 -12.60
N LEU A 275 9.67 14.47 -12.19
CA LEU A 275 9.09 14.97 -10.95
C LEU A 275 7.58 14.83 -10.92
N VAL A 276 6.90 15.13 -12.05
CA VAL A 276 5.44 15.04 -12.12
C VAL A 276 4.99 13.61 -11.87
N ALA A 277 5.60 12.66 -12.59
CA ALA A 277 5.23 11.25 -12.47
C ALA A 277 5.47 10.72 -11.06
N GLN A 278 6.59 11.10 -10.41
CA GLN A 278 6.78 10.73 -9.01
C GLN A 278 5.67 11.32 -8.14
N SER A 279 5.36 12.60 -8.33
CA SER A 279 4.26 13.21 -7.58
C SER A 279 2.98 12.39 -7.77
N ILE A 280 2.68 12.05 -9.02
CA ILE A 280 1.51 11.22 -9.28
C ILE A 280 1.60 9.93 -8.50
N ILE A 281 2.78 9.29 -8.52
CA ILE A 281 2.93 8.04 -7.79
C ILE A 281 2.76 8.27 -6.30
N PHE A 282 3.21 9.42 -5.80
CA PHE A 282 3.07 9.63 -4.37
C PHE A 282 1.60 9.77 -4.01
N ILE A 283 0.84 10.48 -4.86
CA ILE A 283 -0.60 10.59 -4.71
C ILE A 283 -1.26 9.23 -4.77
N PHE A 284 -1.06 8.50 -5.87
CA PHE A 284 -1.63 7.16 -5.98
C PHE A 284 -1.27 6.32 -4.76
N ALA A 285 0.03 6.28 -4.44
CA ALA A 285 0.50 5.52 -3.28
C ALA A 285 -0.27 5.92 -2.03
N GLY A 286 -0.21 7.19 -1.68
CA GLY A 286 -0.65 7.61 -0.37
C GLY A 286 -2.15 7.70 -0.22
N TYR A 287 -2.86 8.02 -1.31
CA TYR A 287 -4.27 8.32 -1.19
C TYR A 287 -5.12 7.14 -0.73
N GLU A 288 -5.23 6.11 -1.55
CA GLU A 288 -6.17 5.08 -1.16
C GLU A 288 -5.50 4.07 -0.25
N THR A 289 -4.24 4.28 0.15
CA THR A 289 -3.62 3.42 1.15
C THR A 289 -3.89 3.92 2.57
N THR A 290 -3.57 5.20 2.84
CA THR A 290 -3.78 5.77 4.17
C THR A 290 -5.24 5.67 4.55
N SER A 291 -6.12 6.07 3.64
CA SER A 291 -7.54 6.08 3.92
C SER A 291 -8.05 4.67 4.22
N SER A 292 -7.57 3.66 3.47
CA SER A 292 -8.14 2.32 3.58
C SER A 292 -7.65 1.60 4.82
N VAL A 293 -6.35 1.68 5.10
CA VAL A 293 -5.85 1.10 6.35
C VAL A 293 -6.54 1.75 7.54
N LEU A 294 -6.69 3.08 7.51
CA LEU A 294 -7.37 3.76 8.61
C LEU A 294 -8.78 3.21 8.78
N SER A 295 -9.44 2.91 7.67
CA SER A 295 -10.78 2.33 7.75
C SER A 295 -10.73 0.92 8.32
N PHE A 296 -9.73 0.13 7.92
CA PHE A 296 -9.59 -1.21 8.52
C PHE A 296 -9.35 -1.10 10.04
N ILE A 297 -8.44 -0.22 10.44
CA ILE A 297 -8.13 -0.04 11.86
C ILE A 297 -9.39 0.36 12.63
N MET A 298 -10.20 1.26 12.09
CA MET A 298 -11.42 1.64 12.80
C MET A 298 -12.50 0.56 12.76
N TYR A 299 -12.58 -0.23 11.69
CA TYR A 299 -13.42 -1.43 11.75
C TYR A 299 -12.99 -2.33 12.90
N GLU A 300 -11.68 -2.61 13.00
CA GLU A 300 -11.19 -3.50 14.07
C GLU A 300 -11.38 -2.86 15.44
N LEU A 301 -11.05 -1.59 15.57
CA LEU A 301 -11.22 -0.95 16.88
C LEU A 301 -12.68 -1.00 17.31
N ALA A 302 -13.61 -0.73 16.38
CA ALA A 302 -15.02 -0.65 16.75
C ALA A 302 -15.61 -2.02 17.08
N THR A 303 -15.27 -3.03 16.29
CA THR A 303 -15.69 -4.40 16.57
C THR A 303 -14.91 -5.06 17.70
N HIS A 304 -13.93 -4.36 18.29
CA HIS A 304 -13.24 -4.82 19.49
C HIS A 304 -13.19 -3.65 20.47
N PRO A 305 -14.30 -3.39 21.17
CA PRO A 305 -14.36 -2.18 22.04
C PRO A 305 -13.24 -2.08 23.08
N ASP A 306 -12.64 -3.21 23.49
CA ASP A 306 -11.60 -3.23 24.52
C ASP A 306 -10.25 -2.75 24.00
N VAL A 307 -9.89 -3.13 22.77
CA VAL A 307 -8.65 -2.64 22.22
C VAL A 307 -8.72 -1.14 22.01
N GLN A 308 -9.87 -0.64 21.52
CA GLN A 308 -10.10 0.81 21.49
C GLN A 308 -9.87 1.42 22.85
N GLN A 309 -10.34 0.75 23.91
CA GLN A 309 -10.16 1.29 25.25
C GLN A 309 -8.69 1.38 25.60
N LYS A 310 -7.94 0.28 25.43
CA LYS A 310 -6.54 0.31 25.84
C LYS A 310 -5.78 1.37 25.04
N LEU A 311 -6.04 1.48 23.74
CA LEU A 311 -5.39 2.53 22.94
C LEU A 311 -5.74 3.92 23.46
N GLN A 312 -7.03 4.15 23.76
CA GLN A 312 -7.42 5.48 24.24
C GLN A 312 -6.74 5.83 25.56
N GLU A 313 -6.51 4.83 26.41
CA GLU A 313 -5.75 5.04 27.65
C GLU A 313 -4.30 5.43 27.36
N GLU A 314 -3.64 4.67 26.47
CA GLU A 314 -2.27 5.02 26.10
C GLU A 314 -2.19 6.42 25.52
N ILE A 315 -3.10 6.74 24.58
CA ILE A 315 -3.11 8.07 23.97
C ILE A 315 -3.29 9.17 25.02
N ASP A 316 -3.94 8.87 26.15
CA ASP A 316 -4.12 9.90 27.17
C ASP A 316 -3.00 9.92 28.19
N ALA A 317 -2.40 8.77 28.53
CA ALA A 317 -1.25 8.76 29.43
C ALA A 317 -0.04 9.45 28.79
N VAL A 318 0.17 9.25 27.48
CA VAL A 318 1.26 9.93 26.80
C VAL A 318 0.93 11.39 26.55
N LEU A 319 -0.26 11.67 25.99
CA LEU A 319 -0.70 13.03 25.72
C LEU A 319 -1.85 13.43 26.64
N PRO A 320 -1.57 13.79 27.89
CA PRO A 320 -2.65 14.20 28.81
C PRO A 320 -3.32 15.48 28.34
N ASN A 321 -4.58 15.64 28.77
CA ASN A 321 -5.37 16.82 28.43
C ASN A 321 -5.52 16.98 26.91
N LYS A 322 -5.75 15.87 26.21
CA LYS A 322 -5.87 15.86 24.74
C LYS A 322 -4.71 16.60 24.06
N ALA A 323 -3.52 16.55 24.65
CA ALA A 323 -2.38 17.30 24.14
C ALA A 323 -2.02 16.81 22.73
N PRO A 324 -1.49 17.68 21.87
CA PRO A 324 -1.33 17.32 20.46
C PRO A 324 -0.20 16.32 20.30
N PRO A 325 -0.40 15.28 19.48
CA PRO A 325 0.68 14.32 19.23
C PRO A 325 1.87 15.00 18.58
N THR A 326 3.04 14.41 18.79
CA THR A 326 4.27 14.84 18.15
C THR A 326 4.97 13.64 17.55
N TYR A 327 6.03 13.92 16.80
CA TYR A 327 6.85 12.86 16.23
C TYR A 327 7.33 11.90 17.31
N ASP A 328 7.95 12.45 18.36
CA ASP A 328 8.58 11.58 19.36
C ASP A 328 7.55 10.88 20.24
N THR A 329 6.45 11.54 20.57
CA THR A 329 5.41 10.88 21.36
C THR A 329 4.62 9.87 20.54
N VAL A 330 4.57 10.02 19.22
CA VAL A 330 3.96 8.99 18.37
C VAL A 330 4.80 7.72 18.40
N LEU A 331 6.12 7.85 18.23
CA LEU A 331 7.01 6.70 18.32
C LEU A 331 7.02 6.09 19.72
N GLN A 332 6.50 6.81 20.71
CA GLN A 332 6.50 6.29 22.07
C GLN A 332 5.35 5.32 22.32
N MET A 333 4.27 5.45 21.57
CA MET A 333 3.05 4.67 21.77
C MET A 333 3.22 3.26 21.23
N GLU A 334 3.38 2.29 22.14
CA GLU A 334 3.69 0.93 21.71
C GLU A 334 2.44 0.16 21.33
N TYR A 335 1.34 0.36 22.09
CA TYR A 335 0.08 -0.29 21.77
C TYR A 335 -0.48 0.21 20.44
N LEU A 336 -0.42 1.53 20.23
CA LEU A 336 -0.79 2.09 18.94
C LEU A 336 -0.06 1.39 17.82
N ASP A 337 1.23 1.13 18.02
CA ASP A 337 1.99 0.45 17.00
C ASP A 337 1.55 -1.01 16.86
N MET A 338 1.16 -1.63 17.98
CA MET A 338 0.70 -3.01 17.93
C MET A 338 -0.62 -3.10 17.16
N VAL A 339 -1.53 -2.15 17.40
CA VAL A 339 -2.79 -2.10 16.66
C VAL A 339 -2.53 -1.90 15.17
N VAL A 340 -1.58 -1.02 14.83
CA VAL A 340 -1.33 -0.78 13.41
C VAL A 340 -0.73 -2.05 12.78
N ASN A 341 0.29 -2.60 13.40
CA ASN A 341 0.97 -3.75 12.80
C ASN A 341 0.02 -4.93 12.60
N GLU A 342 -0.75 -5.27 13.64
CA GLU A 342 -1.63 -6.42 13.51
C GLU A 342 -2.70 -6.16 12.46
N THR A 343 -3.24 -4.94 12.42
CA THR A 343 -4.19 -4.62 11.36
C THR A 343 -3.60 -4.95 10.00
N LEU A 344 -2.35 -4.55 9.74
CA LEU A 344 -1.77 -4.83 8.43
C LEU A 344 -1.43 -6.30 8.27
N ARG A 345 -1.32 -7.05 9.37
CA ARG A 345 -1.20 -8.49 9.17
C ARG A 345 -2.47 -9.04 8.53
N LEU A 346 -3.63 -8.62 9.03
CA LEU A 346 -4.87 -9.12 8.48
C LEU A 346 -5.17 -8.53 7.11
N PHE A 347 -4.79 -7.28 6.88
CA PHE A 347 -5.13 -6.59 5.64
C PHE A 347 -3.89 -5.98 5.01
N PRO A 348 -2.96 -6.82 4.50
CA PRO A 348 -1.79 -6.28 3.80
C PRO A 348 -2.18 -5.89 2.38
N ILE A 349 -2.31 -4.58 2.16
CA ILE A 349 -2.95 -4.06 0.95
C ILE A 349 -2.18 -4.38 -0.33
N ALA A 350 -0.90 -4.72 -0.24
CA ALA A 350 -0.26 -5.20 -1.47
C ALA A 350 -0.70 -6.61 -1.84
N MET A 351 -1.08 -7.43 -0.84
CA MET A 351 -1.61 -8.79 -1.05
C MET A 351 -0.51 -9.75 -1.50
N ARG A 352 0.26 -9.35 -2.52
CA ARG A 352 1.39 -10.11 -3.00
C ARG A 352 2.52 -9.15 -3.33
N LEU A 353 3.73 -9.67 -3.24
CA LEU A 353 4.94 -9.05 -3.73
C LEU A 353 5.44 -9.88 -4.92
N GLU A 354 5.99 -9.20 -5.93
CA GLU A 354 6.34 -9.84 -7.19
C GLU A 354 7.66 -9.32 -7.70
N ARG A 355 8.55 -10.22 -8.15
CA ARG A 355 9.74 -9.80 -8.88
C ARG A 355 9.88 -10.65 -10.13
N VAL A 356 10.34 -10.01 -11.19
CA VAL A 356 10.60 -10.71 -12.43
C VAL A 356 11.97 -11.34 -12.34
N CYS A 357 12.03 -12.65 -12.58
CA CYS A 357 13.32 -13.34 -12.62
C CYS A 357 14.01 -12.97 -13.92
N LYS A 358 15.11 -12.23 -13.84
CA LYS A 358 15.70 -11.65 -15.05
C LYS A 358 16.84 -12.47 -15.62
N LYS A 359 17.10 -13.66 -15.08
CA LYS A 359 18.21 -14.50 -15.49
C LYS A 359 17.97 -15.93 -15.02
N ASP A 360 18.45 -16.91 -15.79
CA ASP A 360 18.47 -18.28 -15.29
C ASP A 360 19.19 -18.29 -13.94
N VAL A 361 18.61 -19.02 -12.98
CA VAL A 361 18.98 -18.79 -11.58
C VAL A 361 18.53 -19.97 -10.74
N GLU A 362 19.25 -20.20 -9.63
CA GLU A 362 18.91 -21.20 -8.64
C GLU A 362 19.01 -20.56 -7.25
N ILE A 363 17.97 -20.71 -6.44
CA ILE A 363 17.95 -20.13 -5.10
C ILE A 363 17.58 -21.22 -4.12
N ASN A 364 18.44 -21.46 -3.13
CA ASN A 364 18.18 -22.42 -2.07
C ASN A 364 17.72 -23.76 -2.63
N GLY A 365 18.50 -24.31 -3.56
CA GLY A 365 18.22 -25.64 -4.07
C GLY A 365 17.05 -25.76 -5.04
N MET A 366 16.73 -24.70 -5.78
CA MET A 366 15.63 -24.75 -6.74
C MET A 366 15.96 -23.91 -7.96
N PHE A 367 15.94 -24.54 -9.14
CA PHE A 367 16.13 -23.81 -10.38
C PHE A 367 14.91 -22.95 -10.69
N ILE A 368 15.13 -21.67 -10.96
CA ILE A 368 14.11 -20.73 -11.38
C ILE A 368 14.56 -20.13 -12.71
N PRO A 369 13.85 -20.38 -13.80
CA PRO A 369 14.35 -19.98 -15.12
C PRO A 369 13.96 -18.54 -15.44
N LYS A 370 14.65 -17.99 -16.44
CA LYS A 370 14.48 -16.60 -16.83
C LYS A 370 13.03 -16.32 -17.19
N GLY A 371 12.60 -15.07 -17.03
CA GLY A 371 11.26 -14.65 -17.35
C GLY A 371 10.17 -15.07 -16.37
N VAL A 372 10.45 -16.00 -15.47
CA VAL A 372 9.44 -16.37 -14.47
C VAL A 372 9.20 -15.18 -13.56
N VAL A 373 7.94 -14.90 -13.26
CA VAL A 373 7.61 -13.96 -12.21
C VAL A 373 7.58 -14.72 -10.88
N VAL A 374 8.44 -14.32 -9.96
CA VAL A 374 8.49 -14.91 -8.63
C VAL A 374 7.55 -14.10 -7.75
N MET A 375 6.73 -14.78 -6.96
CA MET A 375 5.65 -14.11 -6.25
CA MET A 375 5.67 -14.10 -6.24
C MET A 375 5.66 -14.57 -4.81
N ILE A 376 5.46 -13.63 -3.88
CA ILE A 376 5.39 -13.95 -2.46
C ILE A 376 3.98 -13.63 -1.99
N PRO A 377 3.20 -14.60 -1.60
CA PRO A 377 1.77 -14.35 -1.26
C PRO A 377 1.59 -13.78 0.13
N SER A 378 1.90 -12.48 0.25
CA SER A 378 1.88 -11.84 1.57
C SER A 378 0.59 -12.14 2.32
N TYR A 379 -0.56 -11.88 1.69
CA TYR A 379 -1.84 -12.10 2.37
C TYR A 379 -1.92 -13.51 2.90
N ALA A 380 -1.53 -14.49 2.07
CA ALA A 380 -1.66 -15.90 2.48
C ALA A 380 -0.71 -16.23 3.61
N LEU A 381 0.50 -15.66 3.58
CA LEU A 381 1.48 -15.91 4.63
C LEU A 381 1.13 -15.19 5.93
N HIS A 382 0.44 -14.04 5.86
CA HIS A 382 -0.05 -13.38 7.06
C HIS A 382 -1.19 -14.16 7.75
N ARG A 383 -1.87 -15.06 7.04
CA ARG A 383 -2.97 -15.81 7.63
C ARG A 383 -2.67 -17.30 7.74
N ASP A 384 -1.39 -17.67 7.64
CA ASP A 384 -1.00 -19.07 7.73
C ASP A 384 -1.14 -19.56 9.17
N PRO A 385 -2.00 -20.55 9.45
CA PRO A 385 -2.01 -21.15 10.79
C PRO A 385 -0.69 -21.79 11.19
N LYS A 386 0.22 -22.04 10.24
CA LYS A 386 1.51 -22.63 10.59
C LYS A 386 2.44 -21.64 11.28
N TYR A 387 2.32 -20.34 10.99
CA TYR A 387 3.13 -19.31 11.66
C TYR A 387 2.35 -18.51 12.67
N TRP A 388 1.02 -18.57 12.62
CA TRP A 388 0.17 -17.71 13.43
C TRP A 388 -0.91 -18.56 14.09
N THR A 389 -1.06 -18.38 15.39
CA THR A 389 -2.16 -18.96 16.13
C THR A 389 -3.38 -18.07 16.02
N GLU A 390 -4.54 -18.67 15.75
CA GLU A 390 -5.81 -17.96 15.59
C GLU A 390 -5.68 -16.84 14.57
N PRO A 391 -5.26 -17.15 13.33
CA PRO A 391 -4.82 -16.07 12.44
C PRO A 391 -5.95 -15.15 12.00
N GLU A 392 -7.18 -15.65 11.89
CA GLU A 392 -8.28 -14.78 11.53
C GLU A 392 -8.74 -13.89 12.68
N LYS A 393 -8.28 -14.15 13.89
CA LYS A 393 -8.57 -13.27 15.02
C LYS A 393 -7.67 -12.05 15.00
N PHE A 394 -8.21 -10.93 15.45
CA PHE A 394 -7.46 -9.68 15.59
C PHE A 394 -6.96 -9.63 17.03
N LEU A 395 -5.65 -9.76 17.20
CA LEU A 395 -5.04 -9.93 18.52
C LEU A 395 -3.75 -9.12 18.56
N PRO A 396 -3.82 -7.86 18.99
CA PRO A 396 -2.63 -7.00 18.93
C PRO A 396 -1.51 -7.41 19.86
N GLU A 397 -1.74 -8.38 20.74
CA GLU A 397 -0.66 -8.82 21.62
C GLU A 397 0.40 -9.65 20.90
N ARG A 398 0.18 -10.13 19.67
CA ARG A 398 1.27 -10.83 19.01
C ARG A 398 2.42 -9.88 18.66
N PHE A 399 2.15 -8.57 18.58
CA PHE A 399 3.19 -7.59 18.34
C PHE A 399 3.66 -6.89 19.61
N SER A 400 3.50 -7.52 20.76
CA SER A 400 4.07 -6.98 21.98
C SER A 400 5.55 -7.36 22.08
N LYS A 401 6.32 -6.46 22.70
CA LYS A 401 7.75 -6.66 22.93
C LYS A 401 8.02 -8.07 23.43
N LYS A 402 7.12 -8.59 24.26
CA LYS A 402 7.21 -9.98 24.71
C LYS A 402 7.15 -10.97 23.55
N ASN A 403 6.16 -10.80 22.65
CA ASN A 403 5.92 -11.80 21.61
C ASN A 403 6.48 -11.41 20.25
N LYS A 404 6.83 -10.14 20.05
CA LYS A 404 7.13 -9.62 18.72
C LYS A 404 8.38 -10.25 18.11
N ASP A 405 9.30 -10.78 18.93
CA ASP A 405 10.58 -11.29 18.45
C ASP A 405 10.42 -12.53 17.57
N ASN A 406 9.40 -13.33 17.84
CA ASN A 406 9.19 -14.62 17.18
C ASN A 406 8.52 -14.48 15.81
N ILE A 407 8.69 -13.34 15.15
CA ILE A 407 7.92 -12.97 13.97
C ILE A 407 8.91 -12.84 12.82
N ASP A 408 8.85 -13.80 11.89
CA ASP A 408 9.84 -13.85 10.83
C ASP A 408 9.58 -12.68 9.87
N PRO A 409 10.51 -11.72 9.78
CA PRO A 409 10.29 -10.56 8.90
C PRO A 409 10.20 -10.91 7.44
N TYR A 410 10.40 -12.17 7.08
CA TYR A 410 10.16 -12.60 5.71
C TYR A 410 8.84 -13.33 5.56
N ILE A 411 8.07 -13.41 6.65
CA ILE A 411 6.67 -13.80 6.64
C ILE A 411 5.76 -12.59 6.76
N TYR A 412 5.95 -11.79 7.80
CA TYR A 412 5.31 -10.48 7.96
C TYR A 412 6.05 -9.44 7.14
N THR A 413 5.48 -9.05 6.02
CA THR A 413 6.12 -8.13 5.08
C THR A 413 5.10 -7.17 4.51
N PRO A 414 4.39 -6.41 5.35
CA PRO A 414 3.38 -5.50 4.81
C PRO A 414 3.95 -4.37 3.98
N PHE A 415 5.23 -4.06 4.13
CA PHE A 415 5.88 -3.04 3.31
C PHE A 415 6.97 -3.64 2.41
N GLY A 416 6.91 -4.95 2.16
CA GLY A 416 7.97 -5.57 1.40
C GLY A 416 9.18 -5.79 2.29
N SER A 417 10.33 -5.97 1.63
CA SER A 417 11.65 -6.05 2.26
C SER A 417 12.69 -5.84 1.18
N GLY A 418 13.94 -5.65 1.61
CA GLY A 418 15.05 -5.45 0.70
C GLY A 418 15.08 -4.09 0.03
N PRO A 419 16.03 -3.88 -0.88
CA PRO A 419 16.20 -2.54 -1.51
C PRO A 419 14.97 -1.98 -2.21
N ARG A 420 14.00 -2.83 -2.52
CA ARG A 420 12.80 -2.39 -3.23
C ARG A 420 11.54 -2.33 -2.38
N ASN A 421 11.68 -2.35 -1.05
CA ASN A 421 10.48 -2.27 -0.22
C ASN A 421 9.89 -0.87 -0.28
N CYS A 422 8.81 -0.64 0.46
CA CYS A 422 8.04 0.58 0.32
C CYS A 422 8.81 1.77 0.83
N ILE A 423 9.15 2.69 -0.06
CA ILE A 423 9.94 3.87 0.32
C ILE A 423 9.18 4.74 1.31
N GLY A 424 7.86 4.67 1.33
CA GLY A 424 7.08 5.59 2.13
C GLY A 424 6.61 4.99 3.43
N MET A 425 7.23 3.85 3.82
CA MET A 425 6.85 3.15 5.04
C MET A 425 6.76 4.10 6.23
N ARG A 426 7.90 4.67 6.65
CA ARG A 426 7.89 5.53 7.83
C ARG A 426 6.90 6.69 7.65
N PHE A 427 6.68 7.14 6.42
CA PHE A 427 5.70 8.20 6.26
C PHE A 427 4.28 7.68 6.41
N ALA A 428 3.98 6.53 5.82
CA ALA A 428 2.64 5.96 5.97
C ALA A 428 2.27 5.80 7.44
N LEU A 429 3.12 5.12 8.21
CA LEU A 429 2.83 4.86 9.61
C LEU A 429 2.62 6.14 10.40
N MET A 430 3.54 7.09 10.26
CA MET A 430 3.43 8.35 10.99
C MET A 430 2.11 9.03 10.67
N ASN A 431 1.78 9.12 9.37
CA ASN A 431 0.55 9.78 8.96
C ASN A 431 -0.67 9.13 9.60
N MET A 432 -0.79 7.80 9.47
CA MET A 432 -1.94 7.08 10.00
C MET A 432 -2.07 7.26 11.50
N LYS A 433 -0.98 7.02 12.23
CA LYS A 433 -0.98 7.16 13.67
C LYS A 433 -1.42 8.56 14.10
N LEU A 434 -0.99 9.57 13.35
CA LEU A 434 -1.40 10.92 13.69
C LEU A 434 -2.90 11.08 13.52
N ALA A 435 -3.46 10.51 12.45
CA ALA A 435 -4.90 10.49 12.31
C ALA A 435 -5.53 9.84 13.54
N LEU A 436 -5.14 8.58 13.81
CA LEU A 436 -5.75 7.80 14.88
C LEU A 436 -5.71 8.53 16.21
N ILE A 437 -4.53 8.95 16.64
CA ILE A 437 -4.38 9.62 17.93
C ILE A 437 -5.39 10.75 18.06
N ARG A 438 -5.41 11.65 17.07
CA ARG A 438 -6.33 12.78 17.12
C ARG A 438 -7.77 12.32 17.20
N VAL A 439 -8.18 11.48 16.26
CA VAL A 439 -9.54 10.96 16.22
C VAL A 439 -9.90 10.23 17.51
N LEU A 440 -8.99 9.40 18.02
CA LEU A 440 -9.31 8.65 19.24
C LEU A 440 -9.28 9.51 20.49
N GLN A 441 -8.71 10.71 20.41
CA GLN A 441 -8.75 11.64 21.53
C GLN A 441 -10.11 12.30 21.72
N ASN A 442 -10.97 12.26 20.69
CA ASN A 442 -12.27 12.92 20.75
C ASN A 442 -13.45 11.98 20.60
N PHE A 443 -13.24 10.80 20.03
CA PHE A 443 -14.38 9.97 19.68
C PHE A 443 -14.10 8.52 20.05
N SER A 444 -15.16 7.85 20.49
CA SER A 444 -15.21 6.40 20.48
C SER A 444 -16.09 5.96 19.31
N PHE A 445 -15.94 4.70 18.92
CA PHE A 445 -16.55 4.19 17.70
C PHE A 445 -17.28 2.88 18.00
N LYS A 446 -18.58 2.86 17.78
CA LYS A 446 -19.40 1.67 17.97
C LYS A 446 -19.82 1.08 16.63
N PRO A 447 -20.19 -0.20 16.61
CA PRO A 447 -20.81 -0.78 15.41
C PRO A 447 -22.25 -0.30 15.23
N CYS A 448 -22.71 -0.39 13.99
CA CYS A 448 -24.07 -0.03 13.59
C CYS A 448 -24.72 -1.15 12.80
N LYS A 449 -26.05 -1.11 12.73
CA LYS A 449 -26.80 -2.16 12.05
C LYS A 449 -26.37 -2.31 10.59
N GLU A 450 -25.95 -1.22 9.95
CA GLU A 450 -25.44 -1.32 8.59
C GLU A 450 -23.99 -1.76 8.54
N THR A 451 -23.31 -1.87 9.68
CA THR A 451 -21.92 -2.32 9.67
C THR A 451 -21.87 -3.79 9.25
N GLN A 452 -20.94 -4.08 8.34
CA GLN A 452 -20.76 -5.42 7.82
C GLN A 452 -19.92 -6.23 8.82
N ILE A 453 -20.56 -7.17 9.50
CA ILE A 453 -19.96 -7.96 10.57
C ILE A 453 -20.33 -9.42 10.28
N PRO A 454 -19.40 -10.23 9.74
CA PRO A 454 -17.99 -9.90 9.50
C PRO A 454 -17.69 -9.20 8.17
N LEU A 455 -16.79 -8.22 8.24
CA LEU A 455 -16.32 -7.51 7.07
C LEU A 455 -15.86 -8.49 6.01
N LYS A 456 -16.10 -8.14 4.74
CA LYS A 456 -15.70 -8.97 3.61
C LYS A 456 -14.87 -8.17 2.62
N LEU A 457 -13.78 -8.78 2.15
CA LEU A 457 -12.87 -8.14 1.21
C LEU A 457 -13.46 -8.09 -0.18
N SER A 458 -13.29 -6.96 -0.86
CA SER A 458 -13.77 -6.84 -2.23
C SER A 458 -13.16 -7.96 -3.05
N LEU A 459 -14.03 -8.77 -3.66
CA LEU A 459 -13.65 -9.96 -4.41
C LEU A 459 -12.80 -9.61 -5.61
N GLY A 460 -12.63 -8.30 -5.86
CA GLY A 460 -11.89 -7.82 -7.00
C GLY A 460 -10.39 -7.86 -6.82
N GLY A 461 -9.71 -6.92 -7.47
CA GLY A 461 -8.26 -6.87 -7.48
C GLY A 461 -7.65 -5.99 -6.43
N LEU A 462 -8.47 -5.34 -5.64
CA LEU A 462 -8.00 -4.40 -4.63
C LEU A 462 -8.35 -4.94 -3.26
N LEU A 463 -7.48 -4.67 -2.27
CA LEU A 463 -7.83 -5.03 -0.90
C LEU A 463 -8.60 -3.86 -0.30
N GLN A 464 -9.90 -3.84 -0.55
CA GLN A 464 -10.83 -2.93 0.08
C GLN A 464 -12.00 -3.77 0.56
N PRO A 465 -12.79 -3.24 1.49
CA PRO A 465 -13.99 -3.98 1.90
C PRO A 465 -15.01 -3.99 0.79
N GLU A 466 -15.83 -5.03 0.77
CA GLU A 466 -17.01 -5.04 -0.09
C GLU A 466 -17.97 -3.88 0.15
N LYS A 467 -18.67 -3.92 1.29
CA LYS A 467 -19.46 -2.79 1.75
C LYS A 467 -18.48 -1.84 2.44
N PRO A 468 -18.68 -0.52 2.32
CA PRO A 468 -17.78 0.42 3.01
C PRO A 468 -18.03 0.39 4.51
N VAL A 469 -16.99 0.71 5.27
CA VAL A 469 -17.09 0.65 6.72
C VAL A 469 -17.95 1.80 7.20
N VAL A 470 -19.08 1.47 7.84
CA VAL A 470 -19.96 2.46 8.43
C VAL A 470 -20.08 2.15 9.92
N LEU A 471 -19.80 3.14 10.76
CA LEU A 471 -19.75 2.94 12.20
C LEU A 471 -20.36 4.14 12.92
N LYS A 472 -20.80 3.89 14.15
CA LYS A 472 -21.26 4.94 15.04
C LYS A 472 -20.08 5.73 15.59
N VAL A 473 -20.23 7.05 15.67
CA VAL A 473 -19.22 7.93 16.23
C VAL A 473 -19.82 8.67 17.41
N GLU A 474 -19.15 8.62 18.55
CA GLU A 474 -19.58 9.35 19.74
C GLU A 474 -18.46 10.28 20.18
N SER A 475 -18.81 11.28 20.96
CA SER A 475 -17.90 12.36 21.35
CA SER A 475 -17.90 12.36 21.35
C SER A 475 -17.59 12.24 22.84
N ARG A 476 -16.32 12.04 23.17
CA ARG A 476 -15.88 11.91 24.54
C ARG A 476 -15.92 13.25 25.29
CHA HEM B . 5.89 0.02 -2.57
CHB HEM B . 3.10 -1.10 1.21
CHC HEM B . 2.12 3.63 1.43
CHD HEM B . 5.50 4.82 -1.79
C1A HEM B . 5.19 -0.67 -1.62
C2A HEM B . 5.20 -2.10 -1.50
C3A HEM B . 4.42 -2.43 -0.46
C4A HEM B . 3.91 -1.20 0.12
CMA HEM B . 4.13 -3.84 0.07
CAA HEM B . 5.99 -3.04 -2.42
CBA HEM B . 7.21 -3.44 -1.61
CGA HEM B . 8.04 -4.49 -2.28
O1A HEM B . 8.95 -5.08 -1.64
O2A HEM B . 7.78 -4.72 -3.47
C1B HEM B . 2.58 0.11 1.61
C2B HEM B . 1.63 0.33 2.69
C3B HEM B . 1.35 1.64 2.72
C4B HEM B . 2.15 2.28 1.69
CMB HEM B . 1.06 -0.80 3.57
CAB HEM B . 0.43 2.48 3.63
CBB HEM B . -0.27 2.00 4.66
C1C HEM B . 3.00 4.33 0.65
C2C HEM B . 3.14 5.78 0.71
C3C HEM B . 4.07 6.15 -0.15
C4C HEM B . 4.56 4.94 -0.80
CMC HEM B . 2.36 6.74 1.63
CAC HEM B . 4.45 7.64 -0.31
CBC HEM B . 5.43 8.03 -1.11
C1D HEM B . 5.83 3.59 -2.29
C2D HEM B . 6.71 3.38 -3.42
C3D HEM B . 6.80 2.07 -3.63
C4D HEM B . 6.01 1.39 -2.64
CMD HEM B . 7.34 4.54 -4.21
CAD HEM B . 7.61 1.36 -4.71
CBD HEM B . 9.06 1.58 -4.29
CGD HEM B . 10.02 1.13 -5.37
O1D HEM B . 11.21 1.54 -5.27
O2D HEM B . 9.60 0.40 -6.32
NA HEM B . 4.39 -0.16 -0.63
NB HEM B . 2.88 1.32 1.04
NC HEM B . 3.87 3.85 -0.30
ND HEM B . 5.45 2.34 -1.84
FE HEM B . 4.26 1.84 -0.34
C01 FZV C . -2.42 -3.59 -12.88
C02 FZV C . -1.48 -4.34 -11.91
C03 FZV C . -2.22 -4.76 -10.62
C04 FZV C . -0.98 -5.65 -12.64
C06 FZV C . -0.27 -2.59 -10.43
C09 FZV C . 1.59 -1.16 -9.26
C10 FZV C . 1.70 -0.39 -10.68
C12 FZV C . 0.26 1.92 -9.03
C13 FZV C . -0.41 3.30 -9.18
C14 FZV C . -1.75 3.18 -9.86
C15 FZV C . -2.81 2.46 -9.23
C16 FZV C . -4.09 2.32 -9.87
C17 FZV C . -4.30 2.90 -11.15
C18 FZV C . -3.25 3.62 -11.77
C19 FZV C . -1.97 3.75 -11.13
C20 FZV C . 1.55 2.01 -8.30
C23 FZV C . 2.90 2.28 -6.22
C24 FZV C . 2.62 3.24 -5.07
C25 FZV C . 2.06 2.45 -3.91
C26 FZV C . 0.86 1.72 -4.03
C27 FZV C . 0.42 0.98 -2.89
C28 FZV C . 1.22 0.97 -1.72
C30 FZV C . 2.80 2.38 -2.73
C31 FZV C . 3.02 -1.41 -8.64
C32 FZV C . 2.96 -1.72 -7.09
C33 FZV C . 3.62 -0.89 -6.14
C34 FZV C . 3.54 -1.17 -4.76
C35 FZV C . 2.81 -2.27 -4.28
C36 FZV C . 2.16 -3.11 -5.20
C37 FZV C . 2.23 -2.82 -6.61
N08 FZV C . 0.79 -2.43 -9.45
N22 FZV C . 1.65 2.17 -6.89
N29 FZV C . 2.39 1.68 -1.69
O05 FZV C . -0.27 -3.54 -11.52
O07 FZV C . -1.27 -1.81 -10.37
O21 FZV C . 2.67 1.95 -8.92
S11 FZV C . 0.59 1.18 -10.74
C1 GOL D . -8.51 -10.60 -3.74
O1 GOL D . -7.64 -9.49 -3.55
C2 GOL D . -9.71 -10.48 -2.80
O2 GOL D . -9.32 -9.80 -1.64
C3 GOL D . -10.24 -11.85 -2.40
O3 GOL D . -9.26 -12.85 -2.59
N GLN E . 30.58 -1.83 -12.67
CA GLN E . 29.23 -2.42 -12.60
C GLN E . 28.30 -1.68 -13.63
O GLN E . 27.18 -2.23 -13.98
CB GLN E . 28.63 -2.29 -11.15
CG GLN E . 27.05 -2.12 -11.09
CD GLN E . 26.49 -1.26 -9.92
OE1 GLN E . 25.37 -1.49 -9.40
NE2 GLN E . 27.21 -0.15 -9.35
OXT GLN E . 28.63 -0.52 -14.10
#